data_8PKN
#
_entry.id   8PKN
#
_cell.length_a   1.00
_cell.length_b   1.00
_cell.length_c   1.00
_cell.angle_alpha   90.00
_cell.angle_beta   90.00
_cell.angle_gamma   90.00
#
_symmetry.space_group_name_H-M   'P 1'
#
loop_
_entity.id
_entity.type
_entity.pdbx_description
1 polymer '3-hydroxy-3-methylglutaryl-coenzyme A reductase'
2 non-polymer '7-[2-(4-FLUORO-PHENYL)-5-ISOPROPYL-3-PHENYL-4-PHENYLCARBAMOYL-PYRROL-1-YL]- 3,5-DIHYDROXY-HEPTANOIC ACID'
#
_entity_poly.entity_id   1
_entity_poly.type   'polypeptide(L)'
_entity_poly.pdbx_seq_one_letter_code
;PREPRPNEECLQILGNAEKGAKFLSDAEIIQLVNAKHIPAYKLETLMETHERGVSIRRQLLSKKLSEPSSLQYLPYRDYN
YSLVMGACCENVIGYMPIPVGVAGPLCLDEKEFQVPMATTEGCLVASTNRGCRAIGLGGGASSRVLADGMTRGPVVRLPR
ACDSAEVKAWLETSEGFAVIKEAFDSTSRFARLQKLHTSIAGRNLYIRFQSRSGDAMGMNMISKGTEKALSKLHEYFPEM
QILAVSGNYCTDKKPAAINWIEGRGKSVVCEAVIPAKVVREVLKTTTEAMIEVNINKNLVGSAMAGSIGGYNAHAANIVT
AIYIACGQDAAQNVGSSNCITLMEASGPTNEDLYISCTMPSIEIGTVGGGTNLLPQQACLQMLGVQGACKDNPGENARQL
ARIVCGTVMAGELSLMAALAAGH
;
_entity_poly.pdbx_strand_id   A
#
# COMPACT_ATOMS: atom_id res chain seq x y z
N PRO A 1 2.58 50.09 10.09
CA PRO A 1 1.70 48.87 10.07
C PRO A 1 0.54 49.05 9.10
N ARG A 2 -0.56 48.32 9.35
CA ARG A 2 -1.76 48.45 8.55
C ARG A 2 -2.93 47.80 9.30
N GLU A 3 -4.15 48.08 8.83
CA GLU A 3 -5.33 47.52 9.45
C GLU A 3 -6.26 46.94 8.38
N PRO A 4 -7.00 45.86 8.69
CA PRO A 4 -7.92 45.27 7.72
C PRO A 4 -8.94 46.29 7.21
N ARG A 5 -9.25 46.18 5.92
CA ARG A 5 -10.30 46.98 5.31
C ARG A 5 -11.64 46.28 5.50
N PRO A 6 -12.77 47.02 5.44
CA PRO A 6 -14.08 46.40 5.57
C PRO A 6 -14.26 45.15 4.71
N ASN A 7 -15.28 44.36 5.06
CA ASN A 7 -15.56 43.11 4.37
C ASN A 7 -16.20 43.33 3.01
N GLU A 8 -17.07 44.33 2.88
CA GLU A 8 -17.74 44.60 1.61
C GLU A 8 -16.70 44.94 0.54
N GLU A 9 -15.73 45.78 0.91
CA GLU A 9 -14.52 45.94 0.13
C GLU A 9 -13.72 44.65 0.29
N CYS A 10 -12.54 44.56 -0.34
CA CYS A 10 -11.70 43.38 -0.18
C CYS A 10 -12.26 42.20 -0.98
N LEU A 11 -13.53 42.27 -1.38
CA LEU A 11 -14.03 41.35 -2.40
C LEU A 11 -13.88 41.99 -3.79
N GLN A 12 -13.98 43.32 -3.85
CA GLN A 12 -13.63 44.07 -5.05
C GLN A 12 -12.23 43.68 -5.51
N ILE A 13 -11.27 43.77 -4.58
CA ILE A 13 -9.88 43.48 -4.90
C ILE A 13 -9.73 41.99 -5.23
N LEU A 14 -10.41 41.13 -4.47
CA LEU A 14 -10.30 39.70 -4.69
C LEU A 14 -10.76 39.37 -6.11
N GLY A 15 -11.85 40.01 -6.54
CA GLY A 15 -12.44 39.78 -7.85
C GLY A 15 -11.58 40.31 -8.99
N ASN A 16 -11.02 41.52 -8.81
CA ASN A 16 -10.31 42.20 -9.90
C ASN A 16 -9.25 41.27 -10.50
N ALA A 17 -9.22 41.20 -11.84
CA ALA A 17 -8.30 40.32 -12.54
C ALA A 17 -6.86 40.77 -12.31
N GLU A 18 -6.63 42.09 -12.30
CA GLU A 18 -5.26 42.60 -12.18
C GLU A 18 -4.93 42.80 -10.70
N LYS A 19 -5.85 43.45 -9.98
CA LYS A 19 -5.63 43.80 -8.58
C LYS A 19 -6.23 42.70 -7.69
N GLY A 20 -5.64 41.50 -7.76
CA GLY A 20 -6.17 40.34 -7.06
C GLY A 20 -5.54 40.17 -5.68
N ALA A 21 -5.47 38.93 -5.21
CA ALA A 21 -4.69 38.63 -4.02
C ALA A 21 -3.23 38.98 -4.28
N LYS A 22 -2.40 38.96 -3.23
CA LYS A 22 -1.08 39.55 -3.27
C LYS A 22 -1.18 41.06 -3.04
N PHE A 23 -2.41 41.59 -3.04
CA PHE A 23 -2.65 42.95 -2.59
C PHE A 23 -3.38 42.98 -1.24
N LEU A 24 -4.17 41.93 -0.96
CA LEU A 24 -4.73 41.75 0.36
C LEU A 24 -3.65 41.23 1.30
N SER A 25 -3.90 41.37 2.61
CA SER A 25 -2.98 40.87 3.62
C SER A 25 -3.55 39.60 4.25
N ASP A 26 -2.73 38.94 5.07
CA ASP A 26 -3.13 37.69 5.68
C ASP A 26 -4.36 37.90 6.57
N ALA A 27 -4.36 38.97 7.37
CA ALA A 27 -5.49 39.25 8.25
C ALA A 27 -6.78 39.47 7.44
N GLU A 28 -6.65 40.08 6.26
CA GLU A 28 -7.81 40.34 5.41
C GLU A 28 -8.40 39.02 4.89
N ILE A 29 -7.54 38.10 4.46
CA ILE A 29 -8.01 36.79 4.04
C ILE A 29 -8.65 36.07 5.22
N ILE A 30 -8.06 36.20 6.41
CA ILE A 30 -8.61 35.57 7.60
C ILE A 30 -10.02 36.08 7.83
N GLN A 31 -10.21 37.39 7.72
CA GLN A 31 -11.50 38.02 7.93
C GLN A 31 -12.52 37.49 6.92
N LEU A 32 -12.11 37.42 5.65
CA LEU A 32 -13.00 36.94 4.60
C LEU A 32 -13.39 35.49 4.84
N VAL A 33 -12.45 34.66 5.30
CA VAL A 33 -12.76 33.27 5.56
C VAL A 33 -13.74 33.18 6.73
N ASN A 34 -13.48 33.93 7.80
CA ASN A 34 -14.34 33.89 8.98
C ASN A 34 -15.75 34.39 8.68
N ALA A 35 -15.91 35.22 7.64
CA ALA A 35 -17.23 35.75 7.29
C ALA A 35 -17.99 34.85 6.31
N LYS A 36 -17.37 33.73 5.89
CA LYS A 36 -17.99 32.78 4.98
C LYS A 36 -17.94 33.26 3.52
N HIS A 37 -17.21 34.35 3.27
CA HIS A 37 -17.07 34.83 1.90
C HIS A 37 -16.14 33.94 1.08
N ILE A 38 -15.26 33.19 1.77
CA ILE A 38 -14.44 32.19 1.11
C ILE A 38 -14.65 30.85 1.83
N PRO A 39 -14.68 29.71 1.10
CA PRO A 39 -14.55 28.42 1.76
C PRO A 39 -13.09 28.04 1.96
N ALA A 40 -12.73 27.69 3.20
CA ALA A 40 -11.33 27.43 3.54
C ALA A 40 -10.74 26.31 2.69
N TYR A 41 -11.57 25.34 2.27
CA TYR A 41 -11.05 24.20 1.54
C TYR A 41 -10.52 24.63 0.18
N LYS A 42 -10.91 25.82 -0.29
CA LYS A 42 -10.52 26.30 -1.61
C LYS A 42 -9.34 27.26 -1.54
N LEU A 43 -8.76 27.47 -0.35
CA LEU A 43 -7.77 28.51 -0.15
C LEU A 43 -6.54 28.34 -1.05
N GLU A 44 -6.27 27.12 -1.51
CA GLU A 44 -5.05 26.87 -2.26
C GLU A 44 -5.22 27.27 -3.73
N THR A 45 -6.47 27.44 -4.21
CA THR A 45 -6.72 27.86 -5.58
C THR A 45 -7.01 29.36 -5.64
N LEU A 46 -7.89 29.86 -4.76
CA LEU A 46 -8.26 31.26 -4.74
C LEU A 46 -7.20 32.10 -4.02
N MET A 47 -5.93 31.93 -4.42
CA MET A 47 -4.83 32.56 -3.71
C MET A 47 -3.62 32.54 -4.63
N GLU A 48 -2.77 33.56 -4.55
CA GLU A 48 -1.73 33.79 -5.54
C GLU A 48 -0.91 32.53 -5.76
N THR A 49 -0.56 31.83 -4.67
CA THR A 49 0.14 30.55 -4.77
C THR A 49 -0.47 29.54 -3.80
N HIS A 50 -0.11 28.26 -3.98
CA HIS A 50 -0.64 27.19 -3.16
C HIS A 50 -0.06 27.25 -1.75
N GLU A 51 1.24 27.56 -1.65
CA GLU A 51 1.91 27.65 -0.37
C GLU A 51 1.21 28.68 0.52
N ARG A 52 0.78 29.80 -0.07
CA ARG A 52 0.11 30.84 0.70
C ARG A 52 -1.23 30.34 1.22
N GLY A 53 -1.91 29.50 0.42
CA GLY A 53 -3.17 28.93 0.87
C GLY A 53 -2.99 28.05 2.11
N VAL A 54 -1.96 27.20 2.09
CA VAL A 54 -1.71 26.35 3.24
C VAL A 54 -1.26 27.21 4.42
N SER A 55 -0.55 28.30 4.16
CA SER A 55 -0.20 29.25 5.21
C SER A 55 -1.45 29.83 5.88
N ILE A 56 -2.43 30.25 5.08
CA ILE A 56 -3.65 30.81 5.61
C ILE A 56 -4.36 29.76 6.46
N ARG A 57 -4.46 28.53 5.94
CA ARG A 57 -5.10 27.45 6.68
C ARG A 57 -4.40 27.26 8.02
N ARG A 58 -3.06 27.28 8.01
CA ARG A 58 -2.29 27.10 9.22
C ARG A 58 -2.62 28.19 10.25
N GLN A 59 -2.71 29.45 9.81
CA GLN A 59 -2.98 30.54 10.73
C GLN A 59 -4.38 30.40 11.34
N LEU A 60 -5.36 30.07 10.50
CA LEU A 60 -6.70 29.82 10.98
C LEU A 60 -6.69 28.72 12.03
N LEU A 61 -6.01 27.61 11.74
CA LEU A 61 -5.98 26.48 12.66
C LEU A 61 -5.31 26.92 13.96
N SER A 62 -4.21 27.65 13.86
CA SER A 62 -3.47 28.06 15.06
C SER A 62 -4.37 28.85 16.00
N LYS A 63 -5.24 29.70 15.45
CA LYS A 63 -6.09 30.49 16.30
C LYS A 63 -6.98 29.61 17.19
N LYS A 64 -7.35 28.41 16.72
CA LYS A 64 -8.27 27.55 17.44
C LYS A 64 -7.56 26.55 18.37
N LEU A 65 -6.23 26.59 18.46
CA LEU A 65 -5.52 25.64 19.28
C LEU A 65 -5.31 26.20 20.68
N SER A 66 -5.19 25.30 21.66
CA SER A 66 -4.96 25.69 23.03
C SER A 66 -3.54 26.19 23.20
N GLU A 67 -2.63 25.70 22.34
CA GLU A 67 -1.27 26.20 22.31
C GLU A 67 -1.02 26.75 20.90
N PRO A 68 -1.24 28.05 20.66
CA PRO A 68 -1.13 28.62 19.32
C PRO A 68 0.18 28.34 18.58
N SER A 69 1.23 28.00 19.32
CA SER A 69 2.55 27.81 18.71
C SER A 69 2.79 26.35 18.30
N SER A 70 1.76 25.51 18.32
CA SER A 70 1.93 24.08 18.08
C SER A 70 2.53 23.79 16.70
N LEU A 71 2.08 24.53 15.67
CA LEU A 71 2.50 24.26 14.31
C LEU A 71 3.91 24.76 13.99
N GLN A 72 4.65 25.31 14.95
CA GLN A 72 5.87 26.03 14.61
C GLN A 72 6.85 25.13 13.87
N TYR A 73 7.01 23.89 14.34
CA TYR A 73 8.00 22.98 13.78
C TYR A 73 7.37 21.98 12.81
N LEU A 74 6.11 22.17 12.42
CA LEU A 74 5.54 21.42 11.31
C LEU A 74 5.92 22.11 10.01
N PRO A 75 6.81 21.53 9.16
CA PRO A 75 7.26 22.22 7.97
C PRO A 75 6.19 22.28 6.89
N TYR A 76 6.10 23.40 6.18
CA TYR A 76 5.15 23.49 5.07
C TYR A 76 5.71 24.20 3.84
N ARG A 77 6.85 24.87 3.93
CA ARG A 77 7.32 25.72 2.83
C ARG A 77 8.24 24.94 1.89
N ASP A 78 8.30 25.41 0.63
CA ASP A 78 9.17 24.85 -0.40
C ASP A 78 8.78 23.41 -0.71
N TYR A 79 7.49 23.14 -0.74
CA TYR A 79 6.96 21.82 -1.05
C TYR A 79 5.97 22.00 -2.19
N ASN A 80 5.95 21.04 -3.11
CA ASN A 80 5.08 21.15 -4.28
C ASN A 80 3.69 20.64 -3.93
N TYR A 81 2.78 21.57 -3.64
CA TYR A 81 1.42 21.21 -3.28
C TYR A 81 0.55 20.98 -4.51
N SER A 82 0.99 21.40 -5.69
CA SER A 82 0.18 21.26 -6.89
C SER A 82 -0.17 19.78 -7.16
N LEU A 83 0.76 18.87 -6.82
CA LEU A 83 0.54 17.45 -7.07
C LEU A 83 -0.32 16.81 -5.99
N VAL A 84 -0.56 17.49 -4.87
CA VAL A 84 -1.31 16.91 -3.76
C VAL A 84 -2.77 17.32 -3.83
N MET A 85 -3.03 18.55 -4.28
CA MET A 85 -4.38 19.06 -4.35
C MET A 85 -5.24 18.22 -5.28
N GLY A 86 -6.44 17.90 -4.81
CA GLY A 86 -7.40 17.17 -5.63
C GLY A 86 -6.93 15.76 -5.94
N ALA A 87 -5.86 15.28 -5.29
CA ALA A 87 -5.35 13.95 -5.60
C ALA A 87 -5.04 13.15 -4.33
N CYS A 88 -4.40 13.77 -3.34
CA CYS A 88 -3.69 13.02 -2.32
C CYS A 88 -4.08 13.41 -0.90
N CYS A 89 -4.43 14.68 -0.66
CA CYS A 89 -4.79 15.10 0.69
C CYS A 89 -5.68 16.33 0.61
N GLU A 90 -6.43 16.57 1.68
CA GLU A 90 -7.30 17.73 1.79
C GLU A 90 -7.02 18.44 3.11
N ASN A 91 -7.45 19.71 3.20
CA ASN A 91 -7.19 20.58 4.33
C ASN A 91 -5.72 20.50 4.75
N VAL A 92 -4.82 20.70 3.78
CA VAL A 92 -3.41 20.51 4.02
C VAL A 92 -2.83 21.66 4.84
N ILE A 93 -2.00 21.29 5.83
CA ILE A 93 -1.39 22.28 6.70
C ILE A 93 0.11 22.05 6.78
N GLY A 94 0.67 21.27 5.86
CA GLY A 94 2.08 21.03 5.81
C GLY A 94 2.36 19.58 5.44
N TYR A 95 3.55 19.10 5.79
CA TYR A 95 3.93 17.73 5.53
C TYR A 95 4.74 17.18 6.69
N MET A 96 4.74 15.86 6.83
CA MET A 96 5.46 15.18 7.91
C MET A 96 6.70 14.53 7.31
N PRO A 97 7.91 14.99 7.66
CA PRO A 97 9.11 14.34 7.16
C PRO A 97 9.38 12.99 7.85
N ILE A 98 9.59 11.95 7.06
CA ILE A 98 9.96 10.65 7.59
C ILE A 98 11.38 10.36 7.15
N PRO A 99 12.34 10.14 8.08
CA PRO A 99 13.71 9.87 7.65
C PRO A 99 13.75 8.65 6.74
N VAL A 100 14.62 8.69 5.73
CA VAL A 100 14.75 7.61 4.78
C VAL A 100 16.17 7.08 4.84
N GLY A 101 16.30 5.79 5.19
CA GLY A 101 17.56 5.10 5.15
C GLY A 101 17.59 4.15 3.97
N VAL A 102 18.73 3.52 3.74
CA VAL A 102 18.89 2.64 2.60
C VAL A 102 19.47 1.32 3.10
N ALA A 103 18.79 0.22 2.76
CA ALA A 103 19.33 -1.11 3.02
C ALA A 103 19.78 -1.74 1.71
N GLY A 104 20.98 -2.30 1.69
CA GLY A 104 21.44 -2.95 0.50
C GLY A 104 22.96 -2.93 0.38
N PRO A 105 23.52 -3.46 -0.73
CA PRO A 105 22.74 -4.00 -1.84
C PRO A 105 22.01 -5.32 -1.52
N LEU A 106 20.77 -5.45 -1.95
CA LEU A 106 20.05 -6.70 -1.89
C LEU A 106 20.25 -7.46 -3.21
N CYS A 107 20.88 -8.62 -3.13
CA CYS A 107 21.17 -9.44 -4.31
C CYS A 107 19.98 -10.35 -4.58
N LEU A 108 19.16 -9.99 -5.56
CA LEU A 108 17.90 -10.66 -5.81
C LEU A 108 17.80 -10.97 -7.31
N ASP A 109 17.55 -12.24 -7.62
CA ASP A 109 17.36 -12.70 -9.00
C ASP A 109 18.46 -12.17 -9.91
N GLU A 110 19.71 -12.25 -9.44
CA GLU A 110 20.90 -11.93 -10.22
C GLU A 110 21.09 -10.43 -10.43
N LYS A 111 20.28 -9.60 -9.75
CA LYS A 111 20.43 -8.16 -9.81
C LYS A 111 20.73 -7.63 -8.40
N GLU A 112 21.08 -6.34 -8.31
CA GLU A 112 21.35 -5.70 -7.03
C GLU A 112 20.44 -4.50 -6.88
N PHE A 113 19.83 -4.37 -5.71
CA PHE A 113 18.94 -3.27 -5.44
C PHE A 113 19.41 -2.52 -4.20
N GLN A 114 19.05 -1.24 -4.13
CA GLN A 114 19.27 -0.41 -2.97
C GLN A 114 17.90 0.02 -2.49
N VAL A 115 17.47 -0.52 -1.35
CA VAL A 115 16.07 -0.44 -0.97
C VAL A 115 15.90 0.72 0.00
N PRO A 116 15.10 1.75 -0.35
CA PRO A 116 14.82 2.82 0.60
C PRO A 116 13.78 2.41 1.65
N MET A 117 14.05 2.76 2.91
CA MET A 117 13.17 2.44 4.01
C MET A 117 12.93 3.71 4.82
N ALA A 118 11.67 4.14 4.87
CA ALA A 118 11.27 5.29 5.64
C ALA A 118 10.76 4.82 7.00
N THR A 119 11.54 5.05 8.05
CA THR A 119 11.17 4.58 9.37
C THR A 119 11.62 5.56 10.44
N THR A 120 10.96 5.50 11.60
CA THR A 120 11.48 6.14 12.80
C THR A 120 11.91 5.12 13.85
N GLU A 121 12.04 3.85 13.46
CA GLU A 121 12.39 2.81 14.39
C GLU A 121 13.89 2.58 14.32
N GLY A 122 14.58 2.85 15.43
CA GLY A 122 16.03 2.73 15.48
C GLY A 122 16.50 1.30 15.26
N CYS A 123 17.52 1.13 14.43
CA CYS A 123 18.18 -0.13 14.21
C CYS A 123 17.48 -1.00 13.18
N LEU A 124 16.29 -0.63 12.71
CA LEU A 124 15.62 -1.43 11.70
C LEU A 124 16.46 -1.51 10.42
N VAL A 125 16.95 -0.38 9.94
CA VAL A 125 17.71 -0.37 8.70
C VAL A 125 19.01 -1.14 8.85
N ALA A 126 19.69 -0.98 9.98
CA ALA A 126 20.94 -1.68 10.21
C ALA A 126 20.73 -3.20 10.23
N SER A 127 19.65 -3.66 10.88
CA SER A 127 19.34 -5.08 10.94
C SER A 127 19.03 -5.62 9.55
N THR A 128 18.21 -4.88 8.79
CA THR A 128 17.91 -5.28 7.42
C THR A 128 19.22 -5.36 6.62
N ASN A 129 20.13 -4.41 6.85
CA ASN A 129 21.39 -4.39 6.13
C ASN A 129 22.22 -5.63 6.42
N ARG A 130 22.25 -6.04 7.67
CA ARG A 130 23.00 -7.24 8.02
C ARG A 130 22.39 -8.46 7.32
N GLY A 131 21.06 -8.53 7.31
CA GLY A 131 20.42 -9.60 6.57
C GLY A 131 20.78 -9.60 5.08
N CYS A 132 20.75 -8.40 4.46
CA CYS A 132 21.13 -8.26 3.07
C CYS A 132 22.55 -8.75 2.83
N ARG A 133 23.46 -8.42 3.75
CA ARG A 133 24.84 -8.84 3.60
C ARG A 133 24.96 -10.37 3.67
N ALA A 134 24.25 -10.98 4.62
CA ALA A 134 24.29 -12.43 4.74
C ALA A 134 23.79 -13.09 3.45
N ILE A 135 22.66 -12.59 2.94
CA ILE A 135 22.11 -13.14 1.71
C ILE A 135 23.09 -12.98 0.56
N GLY A 136 23.72 -11.81 0.46
CA GLY A 136 24.65 -11.54 -0.61
C GLY A 136 25.84 -12.49 -0.58
N LEU A 137 26.38 -12.74 0.61
CA LEU A 137 27.49 -13.67 0.76
C LEU A 137 27.02 -15.10 0.48
N GLY A 138 25.72 -15.33 0.61
CA GLY A 138 25.16 -16.65 0.38
C GLY A 138 24.91 -16.97 -1.09
N GLY A 139 25.21 -16.06 -2.01
CA GLY A 139 24.97 -16.30 -3.42
C GLY A 139 23.63 -15.75 -3.92
N GLY A 140 23.04 -14.83 -3.16
CA GLY A 140 21.88 -14.11 -3.63
C GLY A 140 20.59 -14.88 -3.38
N ALA A 141 19.48 -14.15 -3.52
CA ALA A 141 18.17 -14.73 -3.34
C ALA A 141 17.47 -14.88 -4.69
N SER A 142 16.38 -15.63 -4.66
CA SER A 142 15.57 -15.92 -5.83
C SER A 142 14.11 -15.73 -5.45
N SER A 143 13.30 -15.25 -6.39
CA SER A 143 11.91 -14.99 -6.12
C SER A 143 11.06 -15.29 -7.34
N ARG A 144 9.77 -15.49 -7.10
CA ARG A 144 8.81 -15.73 -8.15
C ARG A 144 7.50 -15.09 -7.75
N VAL A 145 6.85 -14.44 -8.71
CA VAL A 145 5.45 -14.10 -8.58
C VAL A 145 4.60 -15.32 -8.94
N LEU A 146 3.70 -15.69 -8.02
CA LEU A 146 2.90 -16.90 -8.15
C LEU A 146 1.51 -16.56 -8.67
N ALA A 147 0.96 -15.43 -8.26
CA ALA A 147 -0.37 -15.02 -8.67
C ALA A 147 -0.42 -13.50 -8.63
N ASP A 148 -1.35 -12.93 -9.39
CA ASP A 148 -1.42 -11.49 -9.51
C ASP A 148 -2.84 -11.09 -9.88
N GLY A 149 -3.50 -10.42 -8.95
CA GLY A 149 -4.73 -9.72 -9.26
C GLY A 149 -5.30 -9.06 -8.03
N MET A 150 -5.73 -7.81 -8.17
CA MET A 150 -6.39 -7.09 -7.10
C MET A 150 -7.87 -7.49 -7.11
N THR A 151 -8.53 -7.37 -5.95
CA THR A 151 -9.89 -7.87 -5.83
C THR A 151 -10.79 -6.80 -5.23
N ARG A 152 -12.09 -6.89 -5.54
CA ARG A 152 -13.13 -6.14 -4.88
C ARG A 152 -14.31 -7.07 -4.56
N GLY A 153 -14.76 -7.08 -3.30
CA GLY A 153 -15.77 -8.01 -2.81
C GLY A 153 -17.11 -7.33 -2.53
N PRO A 154 -17.90 -6.94 -3.55
CA PRO A 154 -19.22 -6.40 -3.28
C PRO A 154 -20.16 -7.41 -2.60
N VAL A 155 -21.18 -6.88 -1.94
CA VAL A 155 -22.27 -7.68 -1.40
C VAL A 155 -23.59 -7.19 -1.99
N VAL A 156 -24.34 -8.15 -2.53
CA VAL A 156 -25.66 -7.88 -3.10
C VAL A 156 -26.68 -8.73 -2.35
N ARG A 157 -27.94 -8.33 -2.43
CA ARG A 157 -28.98 -9.03 -1.68
C ARG A 157 -30.16 -9.35 -2.59
N LEU A 158 -30.69 -10.57 -2.44
CA LEU A 158 -31.85 -11.05 -3.18
C LEU A 158 -33.04 -11.19 -2.26
N PRO A 159 -34.28 -11.23 -2.78
CA PRO A 159 -35.44 -11.38 -1.92
C PRO A 159 -35.40 -12.63 -1.05
N ARG A 160 -34.83 -13.72 -1.57
CA ARG A 160 -34.80 -15.00 -0.87
C ARG A 160 -33.47 -15.69 -1.10
N ALA A 161 -33.09 -16.57 -0.18
CA ALA A 161 -31.84 -17.31 -0.31
C ALA A 161 -31.86 -18.23 -1.52
N CYS A 162 -33.03 -18.69 -1.93
CA CYS A 162 -33.16 -19.46 -3.16
C CYS A 162 -32.79 -18.62 -4.38
N ASP A 163 -33.18 -17.35 -4.39
CA ASP A 163 -32.80 -16.43 -5.46
C ASP A 163 -31.29 -16.19 -5.47
N SER A 164 -30.70 -16.08 -4.28
CA SER A 164 -29.26 -15.93 -4.20
C SER A 164 -28.58 -17.14 -4.79
N ALA A 165 -29.10 -18.33 -4.48
CA ALA A 165 -28.54 -19.56 -5.03
C ALA A 165 -28.65 -19.52 -6.56
N GLU A 166 -29.78 -19.06 -7.08
CA GLU A 166 -29.95 -18.99 -8.53
C GLU A 166 -28.90 -18.07 -9.16
N VAL A 167 -28.68 -16.89 -8.56
CA VAL A 167 -27.68 -15.98 -9.08
C VAL A 167 -26.29 -16.60 -9.02
N LYS A 168 -25.98 -17.28 -7.93
CA LYS A 168 -24.67 -17.91 -7.80
C LYS A 168 -24.46 -18.94 -8.90
N ALA A 169 -25.48 -19.79 -9.12
CA ALA A 169 -25.42 -20.81 -10.15
C ALA A 169 -25.21 -20.17 -11.53
N TRP A 170 -25.93 -19.08 -11.80
CA TRP A 170 -25.83 -18.41 -13.09
C TRP A 170 -24.43 -17.82 -13.27
N LEU A 171 -23.85 -17.24 -12.20
CA LEU A 171 -22.49 -16.72 -12.27
C LEU A 171 -21.50 -17.85 -12.54
N GLU A 172 -21.82 -19.07 -12.11
CA GLU A 172 -20.88 -20.18 -12.25
C GLU A 172 -20.88 -20.78 -13.67
N THR A 173 -21.90 -20.50 -14.48
CA THR A 173 -21.93 -21.03 -15.85
C THR A 173 -21.01 -20.22 -16.75
N SER A 174 -20.69 -20.79 -17.90
CA SER A 174 -19.75 -20.16 -18.82
C SER A 174 -20.37 -18.93 -19.49
N GLU A 175 -21.69 -18.99 -19.75
CA GLU A 175 -22.38 -17.91 -20.42
C GLU A 175 -22.49 -16.68 -19.51
N GLY A 176 -22.96 -16.91 -18.27
CA GLY A 176 -23.07 -15.83 -17.30
C GLY A 176 -21.72 -15.18 -16.99
N PHE A 177 -20.71 -16.02 -16.80
CA PHE A 177 -19.38 -15.49 -16.58
C PHE A 177 -18.90 -14.69 -17.79
N ALA A 178 -19.23 -15.14 -19.00
CA ALA A 178 -18.81 -14.43 -20.21
C ALA A 178 -19.44 -13.04 -20.25
N VAL A 179 -20.74 -12.96 -19.94
CA VAL A 179 -21.42 -11.68 -19.97
C VAL A 179 -20.81 -10.73 -18.94
N ILE A 180 -20.59 -11.23 -17.72
CA ILE A 180 -20.05 -10.41 -16.66
C ILE A 180 -18.62 -9.98 -17.01
N LYS A 181 -17.83 -10.90 -17.57
CA LYS A 181 -16.48 -10.58 -17.96
C LYS A 181 -16.46 -9.49 -19.03
N GLU A 182 -17.36 -9.55 -20.00
CA GLU A 182 -17.40 -8.52 -21.03
C GLU A 182 -17.71 -7.16 -20.43
N ALA A 183 -18.77 -7.10 -19.61
CA ALA A 183 -19.15 -5.86 -18.96
C ALA A 183 -17.99 -5.31 -18.13
N PHE A 184 -17.31 -6.16 -17.37
CA PHE A 184 -16.24 -5.72 -16.50
C PHE A 184 -15.06 -5.21 -17.32
N ASP A 185 -14.70 -5.95 -18.38
CA ASP A 185 -13.53 -5.64 -19.17
C ASP A 185 -13.70 -4.40 -20.04
N SER A 186 -14.94 -3.99 -20.28
CA SER A 186 -15.19 -2.85 -21.14
C SER A 186 -14.74 -1.53 -20.50
N THR A 187 -14.42 -1.52 -19.20
CA THR A 187 -14.24 -0.26 -18.48
C THR A 187 -12.79 0.24 -18.49
N SER A 188 -11.86 -0.58 -18.96
CA SER A 188 -10.48 -0.14 -19.04
C SER A 188 -9.66 -1.19 -19.80
N ARG A 189 -8.47 -0.80 -20.26
CA ARG A 189 -7.67 -1.68 -21.12
C ARG A 189 -6.98 -2.76 -20.31
N PHE A 190 -6.80 -2.54 -19.00
CA PHE A 190 -6.15 -3.53 -18.15
C PHE A 190 -7.18 -4.40 -17.42
N ALA A 191 -8.47 -4.05 -17.47
CA ALA A 191 -9.50 -4.80 -16.77
C ALA A 191 -9.77 -6.13 -17.48
N ARG A 192 -9.20 -7.22 -16.97
CA ARG A 192 -9.38 -8.54 -17.54
C ARG A 192 -9.85 -9.47 -16.42
N LEU A 193 -11.16 -9.63 -16.30
CA LEU A 193 -11.76 -10.39 -15.23
C LEU A 193 -11.23 -11.83 -15.23
N GLN A 194 -10.79 -12.29 -14.07
CA GLN A 194 -10.44 -13.69 -13.83
C GLN A 194 -11.60 -14.38 -13.11
N LYS A 195 -11.43 -15.65 -12.81
CA LYS A 195 -12.52 -16.46 -12.27
C LYS A 195 -13.08 -15.83 -11.01
N LEU A 196 -14.42 -15.85 -10.88
CA LEU A 196 -15.13 -15.26 -9.77
C LEU A 196 -15.18 -16.23 -8.60
N HIS A 197 -15.29 -15.67 -7.40
CA HIS A 197 -15.42 -16.42 -6.17
C HIS A 197 -16.61 -15.86 -5.42
N THR A 198 -17.61 -16.71 -5.19
CA THR A 198 -18.85 -16.30 -4.57
C THR A 198 -18.98 -16.98 -3.22
N SER A 199 -19.76 -16.35 -2.36
CA SER A 199 -20.11 -16.93 -1.07
C SER A 199 -21.51 -16.46 -0.72
N ILE A 200 -22.38 -17.37 -0.34
CA ILE A 200 -23.72 -17.04 0.07
C ILE A 200 -23.77 -17.00 1.58
N ALA A 201 -24.60 -16.10 2.11
CA ALA A 201 -25.02 -16.15 3.50
C ALA A 201 -26.48 -15.74 3.56
N GLY A 202 -27.37 -16.73 3.62
CA GLY A 202 -28.79 -16.44 3.51
C GLY A 202 -29.07 -15.81 2.16
N ARG A 203 -29.75 -14.69 2.15
CA ARG A 203 -30.03 -13.99 0.91
C ARG A 203 -28.97 -12.95 0.57
N ASN A 204 -27.82 -12.97 1.23
CA ASN A 204 -26.71 -12.13 0.84
C ASN A 204 -25.79 -12.93 -0.06
N LEU A 205 -25.40 -12.33 -1.19
CA LEU A 205 -24.42 -12.94 -2.06
C LEU A 205 -23.19 -12.02 -2.11
N TYR A 206 -22.04 -12.57 -1.77
CA TYR A 206 -20.79 -11.86 -1.77
C TYR A 206 -20.00 -12.32 -2.99
N ILE A 207 -19.58 -11.36 -3.83
CA ILE A 207 -18.91 -11.70 -5.08
C ILE A 207 -17.54 -11.06 -5.04
N ARG A 208 -16.50 -11.85 -5.27
CA ARG A 208 -15.14 -11.37 -5.28
C ARG A 208 -14.63 -11.29 -6.72
N PHE A 209 -14.63 -10.08 -7.29
CA PHE A 209 -14.03 -9.84 -8.59
C PHE A 209 -12.53 -9.69 -8.45
N GLN A 210 -11.78 -10.39 -9.29
CA GLN A 210 -10.34 -10.31 -9.29
C GLN A 210 -9.81 -9.98 -10.68
N SER A 211 -8.77 -9.15 -10.77
CA SER A 211 -8.20 -8.79 -12.05
C SER A 211 -6.83 -8.14 -11.88
N ARG A 212 -5.95 -8.34 -12.86
CA ARG A 212 -4.74 -7.56 -13.02
C ARG A 212 -5.09 -6.14 -13.42
N SER A 213 -4.18 -5.21 -13.16
CA SER A 213 -4.51 -3.79 -13.32
C SER A 213 -3.31 -3.00 -13.84
N GLY A 214 -2.50 -3.62 -14.70
CA GLY A 214 -1.34 -2.91 -15.21
C GLY A 214 -0.30 -2.75 -14.11
N ASP A 215 0.19 -1.53 -13.94
CA ASP A 215 1.17 -1.20 -12.93
C ASP A 215 0.52 -0.42 -11.78
N ALA A 216 -0.76 -0.10 -11.87
CA ALA A 216 -1.45 0.56 -10.78
C ALA A 216 -1.75 -0.48 -9.70
N MET A 217 -2.01 0.00 -8.50
CA MET A 217 -2.40 -0.88 -7.40
C MET A 217 -3.76 -1.51 -7.72
N GLY A 218 -4.69 -0.73 -8.27
CA GLY A 218 -5.84 -1.34 -8.94
C GLY A 218 -7.18 -1.06 -8.30
N MET A 219 -7.21 -0.47 -7.11
CA MET A 219 -8.47 -0.39 -6.38
C MET A 219 -9.50 0.41 -7.17
N ASN A 220 -9.11 1.57 -7.69
CA ASN A 220 -10.04 2.42 -8.39
C ASN A 220 -10.56 1.71 -9.63
N MET A 221 -9.64 1.11 -10.41
CA MET A 221 -10.00 0.45 -11.64
C MET A 221 -10.89 -0.76 -11.37
N ILE A 222 -10.52 -1.57 -10.37
CA ILE A 222 -11.29 -2.75 -10.04
C ILE A 222 -12.69 -2.34 -9.58
N SER A 223 -12.80 -1.26 -8.81
CA SER A 223 -14.09 -0.79 -8.32
C SER A 223 -14.96 -0.35 -9.48
N LYS A 224 -14.37 0.37 -10.44
CA LYS A 224 -15.12 0.84 -11.60
C LYS A 224 -15.67 -0.35 -12.38
N GLY A 225 -14.81 -1.32 -12.66
CA GLY A 225 -15.20 -2.53 -13.37
C GLY A 225 -16.31 -3.27 -12.61
N THR A 226 -16.18 -3.34 -11.28
CA THR A 226 -17.14 -4.04 -10.45
C THR A 226 -18.51 -3.38 -10.56
N GLU A 227 -18.53 -2.04 -10.55
CA GLU A 227 -19.79 -1.32 -10.65
C GLU A 227 -20.48 -1.62 -11.98
N LYS A 228 -19.71 -1.60 -13.06
CA LYS A 228 -20.27 -1.87 -14.38
C LYS A 228 -20.81 -3.29 -14.45
N ALA A 229 -20.04 -4.26 -13.93
CA ALA A 229 -20.45 -5.65 -13.94
C ALA A 229 -21.72 -5.86 -13.09
N LEU A 230 -21.84 -5.13 -11.98
CA LEU A 230 -23.01 -5.28 -11.14
C LEU A 230 -24.24 -4.71 -11.85
N SER A 231 -24.07 -3.64 -12.63
CA SER A 231 -25.21 -3.13 -13.42
C SER A 231 -25.67 -4.18 -14.42
N LYS A 232 -24.69 -4.80 -15.08
CA LYS A 232 -25.03 -5.84 -16.04
C LYS A 232 -25.78 -6.98 -15.34
N LEU A 233 -25.28 -7.39 -14.17
CA LEU A 233 -25.91 -8.46 -13.40
C LEU A 233 -27.33 -8.07 -13.03
N HIS A 234 -27.53 -6.81 -12.64
CA HIS A 234 -28.86 -6.34 -12.31
C HIS A 234 -29.81 -6.48 -13.49
N GLU A 235 -29.30 -6.38 -14.71
CA GLU A 235 -30.18 -6.50 -15.87
C GLU A 235 -30.85 -7.87 -15.91
N TYR A 236 -30.14 -8.93 -15.52
CA TYR A 236 -30.69 -10.27 -15.57
C TYR A 236 -31.55 -10.59 -14.34
N PHE A 237 -31.24 -9.97 -13.19
CA PHE A 237 -31.97 -10.20 -11.96
C PHE A 237 -32.46 -8.88 -11.41
N PRO A 238 -33.55 -8.30 -11.97
CA PRO A 238 -33.98 -6.97 -11.55
C PRO A 238 -34.34 -6.86 -10.08
N GLU A 239 -34.59 -7.98 -9.42
CA GLU A 239 -34.89 -7.94 -7.99
C GLU A 239 -33.62 -7.80 -7.13
N MET A 240 -32.44 -7.95 -7.71
CA MET A 240 -31.22 -7.81 -6.95
C MET A 240 -31.07 -6.38 -6.43
N GLN A 241 -30.61 -6.26 -5.18
CA GLN A 241 -30.29 -5.00 -4.55
C GLN A 241 -28.79 -4.97 -4.29
N ILE A 242 -28.09 -3.99 -4.86
CA ILE A 242 -26.68 -3.83 -4.57
C ILE A 242 -26.56 -3.14 -3.22
N LEU A 243 -26.14 -3.89 -2.20
CA LEU A 243 -26.11 -3.38 -0.85
C LEU A 243 -24.85 -2.55 -0.62
N ALA A 244 -23.69 -3.07 -1.00
CA ALA A 244 -22.48 -2.29 -0.91
C ALA A 244 -21.47 -2.78 -1.94
N VAL A 245 -20.77 -1.83 -2.54
CA VAL A 245 -19.77 -2.13 -3.55
C VAL A 245 -18.59 -2.85 -2.91
N SER A 246 -18.39 -2.61 -1.61
CA SER A 246 -17.48 -3.43 -0.83
C SER A 246 -18.24 -4.07 0.33
N GLY A 247 -18.20 -5.40 0.41
CA GLY A 247 -18.86 -6.15 1.47
C GLY A 247 -17.85 -6.76 2.42
N ASN A 248 -16.63 -6.20 2.48
CA ASN A 248 -15.56 -6.76 3.29
C ASN A 248 -15.19 -8.15 2.83
N TYR A 249 -15.52 -8.46 1.58
CA TYR A 249 -15.17 -9.76 1.04
C TYR A 249 -13.95 -9.69 0.11
N CYS A 250 -13.30 -8.52 0.01
CA CYS A 250 -12.17 -8.32 -0.91
C CYS A 250 -10.95 -9.14 -0.51
N THR A 251 -10.39 -8.99 0.70
CA THR A 251 -10.80 -8.06 1.76
C THR A 251 -9.70 -6.98 1.82
N ASP A 252 -10.15 -5.74 1.88
CA ASP A 252 -9.27 -4.60 1.82
C ASP A 252 -9.01 -4.02 3.23
N LYS A 253 -7.75 -4.02 3.65
CA LYS A 253 -7.29 -3.32 4.84
C LYS A 253 -7.91 -3.86 6.13
N LYS A 254 -8.15 -5.16 6.17
CA LYS A 254 -8.54 -5.84 7.39
C LYS A 254 -7.88 -7.20 7.35
N PRO A 255 -7.54 -7.79 8.51
CA PRO A 255 -7.08 -9.18 8.52
C PRO A 255 -8.23 -10.08 8.09
N ALA A 256 -7.98 -10.95 7.12
CA ALA A 256 -8.99 -11.89 6.66
C ALA A 256 -8.31 -13.16 6.16
N ALA A 257 -8.86 -14.31 6.49
CA ALA A 257 -8.34 -15.57 6.00
C ALA A 257 -8.46 -15.67 4.48
N ILE A 258 -9.45 -14.99 3.89
CA ILE A 258 -9.62 -15.06 2.45
C ILE A 258 -8.40 -14.54 1.66
N ASN A 259 -7.78 -13.46 2.12
CA ASN A 259 -6.56 -12.97 1.51
C ASN A 259 -5.43 -13.97 1.67
N TRP A 260 -5.35 -14.62 2.82
CA TRP A 260 -4.32 -15.61 3.06
C TRP A 260 -4.46 -16.82 2.15
N ILE A 261 -5.69 -17.27 1.94
CA ILE A 261 -5.94 -18.54 1.27
C ILE A 261 -6.02 -18.34 -0.24
N GLU A 262 -6.74 -17.31 -0.69
CA GLU A 262 -6.89 -17.09 -2.11
C GLU A 262 -5.88 -16.11 -2.72
N GLY A 263 -5.18 -15.33 -1.90
CA GLY A 263 -4.29 -14.27 -2.39
C GLY A 263 -5.05 -12.98 -2.68
N ARG A 264 -4.30 -11.89 -2.72
CA ARG A 264 -4.84 -10.58 -3.07
C ARG A 264 -3.65 -9.75 -3.55
N GLY A 265 -3.78 -9.07 -4.69
CA GLY A 265 -2.65 -8.37 -5.27
C GLY A 265 -1.66 -9.39 -5.79
N LYS A 266 -0.42 -9.34 -5.32
CA LYS A 266 0.60 -10.24 -5.80
C LYS A 266 0.99 -11.25 -4.72
N SER A 267 1.18 -12.49 -5.14
CA SER A 267 1.65 -13.56 -4.29
C SER A 267 3.07 -13.89 -4.68
N VAL A 268 3.97 -13.86 -3.70
CA VAL A 268 5.39 -13.98 -3.99
C VAL A 268 5.99 -15.00 -3.05
N VAL A 269 7.05 -15.64 -3.54
CA VAL A 269 7.89 -16.48 -2.73
C VAL A 269 9.34 -16.11 -3.01
N CYS A 270 10.15 -16.05 -1.97
CA CYS A 270 11.58 -15.78 -2.10
C CYS A 270 12.32 -16.81 -1.26
N GLU A 271 13.53 -17.12 -1.68
CA GLU A 271 14.34 -18.08 -0.96
C GLU A 271 15.81 -17.73 -1.08
N ALA A 272 16.60 -18.27 -0.16
CA ALA A 272 18.04 -18.19 -0.24
C ALA A 272 18.65 -19.35 0.56
N VAL A 273 19.91 -19.61 0.30
CA VAL A 273 20.70 -20.53 1.10
C VAL A 273 21.92 -19.79 1.66
N ILE A 274 22.07 -19.81 2.98
CA ILE A 274 23.15 -19.15 3.67
C ILE A 274 24.17 -20.19 4.09
N PRO A 275 25.43 -20.15 3.60
CA PRO A 275 26.44 -21.10 4.04
C PRO A 275 26.62 -21.08 5.55
N ALA A 276 27.01 -22.23 6.11
CA ALA A 276 27.22 -22.35 7.55
C ALA A 276 28.21 -21.32 8.08
N LYS A 277 29.30 -21.13 7.34
CA LYS A 277 30.34 -20.21 7.76
C LYS A 277 29.79 -18.79 7.83
N VAL A 278 28.97 -18.42 6.85
CA VAL A 278 28.37 -17.10 6.84
C VAL A 278 27.40 -16.95 8.00
N VAL A 279 26.65 -18.01 8.30
CA VAL A 279 25.74 -17.95 9.44
C VAL A 279 26.55 -17.75 10.71
N ARG A 280 27.72 -18.36 10.82
CA ARG A 280 28.56 -18.19 12.00
C ARG A 280 29.12 -16.77 12.11
N GLU A 281 29.68 -16.24 11.02
CA GLU A 281 30.49 -15.02 11.09
C GLU A 281 29.68 -13.75 10.96
N VAL A 282 28.66 -13.75 10.11
CA VAL A 282 27.86 -12.56 9.91
C VAL A 282 26.69 -12.54 10.88
N LEU A 283 26.00 -13.67 11.05
CA LEU A 283 24.81 -13.72 11.87
C LEU A 283 25.12 -14.10 13.31
N LYS A 284 26.34 -14.56 13.59
CA LYS A 284 26.78 -14.81 14.96
C LYS A 284 25.92 -15.87 15.63
N THR A 285 25.55 -16.91 14.88
CA THR A 285 24.77 -18.00 15.44
C THR A 285 25.11 -19.28 14.68
N THR A 286 24.23 -20.29 14.76
CA THR A 286 24.38 -21.52 14.01
C THR A 286 23.06 -21.85 13.33
N THR A 287 23.12 -22.74 12.33
CA THR A 287 21.96 -23.13 11.56
C THR A 287 20.93 -23.82 12.47
N GLU A 288 21.43 -24.68 13.38
CA GLU A 288 20.54 -25.45 14.24
C GLU A 288 19.72 -24.52 15.14
N ALA A 289 20.39 -23.52 15.74
CA ALA A 289 19.70 -22.57 16.59
C ALA A 289 18.67 -21.77 15.80
N MET A 290 19.02 -21.40 14.57
CA MET A 290 18.11 -20.62 13.75
C MET A 290 16.85 -21.44 13.46
N ILE A 291 17.02 -22.72 13.12
CA ILE A 291 15.87 -23.55 12.83
C ILE A 291 15.00 -23.75 14.07
N GLU A 292 15.64 -23.98 15.22
CA GLU A 292 14.92 -24.16 16.46
C GLU A 292 14.05 -22.92 16.75
N VAL A 293 14.65 -21.74 16.62
CA VAL A 293 13.92 -20.53 16.91
C VAL A 293 12.80 -20.34 15.90
N ASN A 294 13.08 -20.57 14.63
CA ASN A 294 12.06 -20.43 13.62
C ASN A 294 10.86 -21.32 13.91
N ILE A 295 11.09 -22.59 14.19
CA ILE A 295 9.99 -23.48 14.47
C ILE A 295 9.20 -23.00 15.70
N ASN A 296 9.89 -22.71 16.79
CA ASN A 296 9.23 -22.52 18.06
C ASN A 296 8.72 -21.09 18.25
N LYS A 297 9.07 -20.17 17.34
CA LYS A 297 8.54 -18.82 17.38
C LYS A 297 7.57 -18.57 16.23
N ASN A 298 8.00 -18.77 14.99
CA ASN A 298 7.21 -18.33 13.86
C ASN A 298 6.07 -19.31 13.56
N LEU A 299 6.26 -20.59 13.87
CA LEU A 299 5.23 -21.59 13.67
C LEU A 299 4.44 -21.82 14.95
N VAL A 300 5.09 -22.32 16.00
CA VAL A 300 4.37 -22.75 17.18
C VAL A 300 3.88 -21.55 17.97
N GLY A 301 4.73 -20.56 18.20
CA GLY A 301 4.27 -19.37 18.91
C GLY A 301 3.13 -18.66 18.21
N SER A 302 3.19 -18.53 16.89
CA SER A 302 2.10 -17.90 16.16
C SER A 302 0.83 -18.75 16.27
N ALA A 303 0.96 -20.08 16.20
CA ALA A 303 -0.17 -20.99 16.37
C ALA A 303 -0.81 -20.85 17.74
N MET A 304 -0.01 -20.75 18.81
CA MET A 304 -0.55 -20.60 20.15
C MET A 304 -1.22 -19.23 20.32
N ALA A 305 -0.77 -18.21 19.60
CA ALA A 305 -1.40 -16.89 19.64
C ALA A 305 -2.66 -16.84 18.79
N GLY A 306 -2.93 -17.90 18.01
CA GLY A 306 -4.11 -17.86 17.18
C GLY A 306 -3.96 -16.91 15.99
N SER A 307 -2.81 -16.96 15.34
CA SER A 307 -2.54 -16.13 14.18
C SER A 307 -3.04 -16.76 12.89
N ILE A 308 -3.68 -15.96 12.04
CA ILE A 308 -3.92 -16.30 10.65
C ILE A 308 -3.00 -15.47 9.78
N GLY A 309 -2.00 -16.09 9.17
CA GLY A 309 -1.13 -15.37 8.25
C GLY A 309 0.02 -14.64 8.92
N GLY A 310 0.16 -14.75 10.24
CA GLY A 310 1.23 -14.04 10.95
C GLY A 310 2.35 -14.98 11.40
N TYR A 311 2.81 -15.85 10.51
CA TYR A 311 3.82 -16.83 10.83
C TYR A 311 5.22 -16.35 10.46
N ASN A 312 5.58 -15.19 11.01
CA ASN A 312 6.84 -14.54 10.69
C ASN A 312 7.28 -13.69 11.88
N ALA A 313 8.51 -13.20 11.82
CA ALA A 313 9.05 -12.38 12.90
C ALA A 313 8.55 -10.94 12.83
N HIS A 314 8.90 -10.17 11.78
CA HIS A 314 8.50 -8.76 11.75
C HIS A 314 8.34 -8.25 10.32
N ALA A 315 7.72 -9.04 9.44
CA ALA A 315 7.52 -8.62 8.07
C ALA A 315 6.83 -7.24 7.97
N ALA A 316 5.96 -6.90 8.90
CA ALA A 316 5.26 -5.63 8.89
C ALA A 316 6.22 -4.44 8.99
N ASN A 317 7.33 -4.58 9.72
CA ASN A 317 8.30 -3.51 9.81
C ASN A 317 8.85 -3.14 8.43
N ILE A 318 9.34 -4.14 7.70
CA ILE A 318 9.97 -3.93 6.42
C ILE A 318 8.93 -3.43 5.44
N VAL A 319 7.76 -4.07 5.45
CA VAL A 319 6.73 -3.73 4.51
C VAL A 319 6.33 -2.27 4.70
N THR A 320 6.13 -1.85 5.95
CA THR A 320 5.66 -0.50 6.23
C THR A 320 6.71 0.51 5.81
N ALA A 321 7.97 0.23 6.14
CA ALA A 321 9.05 1.16 5.79
C ALA A 321 9.12 1.35 4.27
N ILE A 322 9.14 0.26 3.50
CA ILE A 322 9.23 0.36 2.05
C ILE A 322 7.98 1.07 1.52
N TYR A 323 6.80 0.72 2.03
CA TYR A 323 5.57 1.27 1.50
C TYR A 323 5.58 2.79 1.68
N ILE A 324 5.99 3.27 2.85
CA ILE A 324 6.01 4.70 3.09
C ILE A 324 7.06 5.36 2.21
N ALA A 325 8.23 4.72 2.04
CA ALA A 325 9.25 5.30 1.18
C ALA A 325 8.75 5.45 -0.26
N CYS A 326 8.01 4.46 -0.78
CA CYS A 326 7.71 4.37 -2.20
C CYS A 326 6.31 4.84 -2.56
N GLY A 327 5.64 5.56 -1.68
CA GLY A 327 4.37 6.15 -2.05
C GLY A 327 3.19 5.19 -2.04
N GLN A 328 3.34 4.01 -1.43
CA GLN A 328 2.24 3.07 -1.35
C GLN A 328 1.26 3.51 -0.26
N ASP A 329 0.05 2.99 -0.34
CA ASP A 329 -0.93 3.22 0.72
C ASP A 329 -0.55 2.40 1.95
N ALA A 330 -0.11 3.06 3.02
CA ALA A 330 0.52 2.37 4.15
C ALA A 330 -0.48 1.53 4.97
N ALA A 331 -1.76 1.91 4.99
CA ALA A 331 -2.77 1.10 5.64
C ALA A 331 -2.79 -0.34 5.08
N GLN A 332 -2.46 -0.48 3.80
CA GLN A 332 -2.50 -1.77 3.13
C GLN A 332 -1.51 -2.74 3.72
N ASN A 333 -0.58 -2.25 4.53
CA ASN A 333 0.34 -3.16 5.19
C ASN A 333 -0.42 -4.20 6.01
N VAL A 334 -1.56 -3.80 6.54
CA VAL A 334 -2.42 -4.70 7.27
C VAL A 334 -2.57 -6.02 6.51
N GLY A 335 -2.95 -5.96 5.24
CA GLY A 335 -2.99 -7.19 4.49
C GLY A 335 -1.67 -7.60 3.86
N SER A 336 -0.80 -6.65 3.55
CA SER A 336 0.36 -6.98 2.73
C SER A 336 1.47 -7.64 3.54
N SER A 337 1.42 -7.55 4.86
CA SER A 337 2.49 -8.12 5.67
C SER A 337 2.28 -9.61 5.96
N ASN A 338 1.15 -10.19 5.57
CA ASN A 338 0.92 -11.62 5.71
C ASN A 338 2.10 -12.37 5.12
N CYS A 339 2.72 -13.23 5.94
CA CYS A 339 3.92 -13.89 5.51
C CYS A 339 4.12 -15.12 6.37
N ILE A 340 4.70 -16.16 5.76
CA ILE A 340 5.20 -17.29 6.49
C ILE A 340 6.67 -17.48 6.15
N THR A 341 7.47 -17.60 7.20
CA THR A 341 8.91 -17.74 7.09
C THR A 341 9.29 -19.16 7.49
N LEU A 342 10.02 -19.85 6.62
CA LEU A 342 10.44 -21.23 6.88
C LEU A 342 11.94 -21.32 6.78
N MET A 343 12.54 -22.05 7.73
CA MET A 343 13.97 -22.29 7.74
C MET A 343 14.22 -23.79 7.84
N GLU A 344 15.21 -24.29 7.10
CA GLU A 344 15.56 -25.69 7.14
C GLU A 344 17.07 -25.83 7.01
N ALA A 345 17.57 -27.03 7.33
CA ALA A 345 18.96 -27.37 7.09
C ALA A 345 19.10 -27.77 5.62
N SER A 346 20.29 -27.54 5.07
CA SER A 346 20.51 -27.81 3.67
C SER A 346 22.00 -27.98 3.42
N GLY A 347 22.33 -28.46 2.23
CA GLY A 347 23.70 -28.73 1.85
C GLY A 347 24.03 -30.20 2.00
N PRO A 348 25.22 -30.63 1.53
CA PRO A 348 25.64 -32.02 1.69
C PRO A 348 25.86 -32.47 3.12
N THR A 349 25.84 -31.53 4.08
CA THR A 349 26.10 -31.85 5.48
C THR A 349 24.96 -31.39 6.40
N ASN A 350 23.89 -30.80 5.84
CA ASN A 350 22.81 -30.25 6.64
C ASN A 350 23.33 -29.14 7.54
N GLU A 351 24.38 -28.44 7.09
CA GLU A 351 24.94 -27.36 7.90
C GLU A 351 24.52 -25.97 7.42
N ASP A 352 24.08 -25.83 6.17
CA ASP A 352 23.71 -24.54 5.62
C ASP A 352 22.25 -24.23 5.92
N LEU A 353 21.91 -22.95 5.92
CA LEU A 353 20.58 -22.53 6.30
C LEU A 353 19.80 -22.17 5.05
N TYR A 354 18.77 -22.97 4.74
CA TYR A 354 17.82 -22.59 3.73
C TYR A 354 16.71 -21.76 4.38
N ILE A 355 16.37 -20.63 3.76
CA ILE A 355 15.31 -19.78 4.26
C ILE A 355 14.41 -19.43 3.08
N SER A 356 13.12 -19.32 3.37
CA SER A 356 12.15 -18.90 2.39
C SER A 356 11.08 -18.06 3.08
N CYS A 357 10.61 -17.03 2.36
CA CYS A 357 9.50 -16.22 2.79
C CYS A 357 8.41 -16.34 1.73
N THR A 358 7.16 -16.49 2.17
CA THR A 358 6.03 -16.57 1.27
C THR A 358 5.00 -15.54 1.71
N MET A 359 4.62 -14.68 0.76
CA MET A 359 3.75 -13.57 1.04
C MET A 359 2.66 -13.57 -0.02
N PRO A 360 1.46 -14.07 0.29
CA PRO A 360 0.45 -14.24 -0.73
C PRO A 360 -0.38 -13.03 -1.09
N SER A 361 -0.30 -11.94 -0.32
CA SER A 361 -1.22 -10.83 -0.49
C SER A 361 -0.49 -9.49 -0.51
N ILE A 362 0.56 -9.36 -1.31
CA ILE A 362 1.26 -8.08 -1.42
C ILE A 362 0.47 -7.12 -2.34
N GLU A 363 -0.17 -6.12 -1.73
CA GLU A 363 -0.94 -5.11 -2.45
C GLU A 363 -0.03 -3.91 -2.75
N ILE A 364 0.25 -3.66 -4.02
CA ILE A 364 1.32 -2.76 -4.39
C ILE A 364 1.17 -2.30 -5.85
N GLY A 365 1.65 -1.09 -6.12
CA GLY A 365 1.57 -0.47 -7.43
C GLY A 365 2.69 0.56 -7.62
N THR A 366 2.91 0.99 -8.86
CA THR A 366 3.94 1.99 -9.15
C THR A 366 3.38 3.14 -9.99
N VAL A 367 2.05 3.26 -10.05
CA VAL A 367 1.39 4.34 -10.74
C VAL A 367 0.16 4.70 -9.91
N GLY A 368 -0.15 5.99 -9.89
CA GLY A 368 -1.33 6.48 -9.23
C GLY A 368 -1.12 6.62 -7.72
N GLY A 369 -2.02 7.39 -7.11
CA GLY A 369 -1.96 7.63 -5.68
C GLY A 369 -0.65 8.31 -5.30
N GLY A 370 -0.11 7.89 -4.15
CA GLY A 370 1.09 8.47 -3.61
C GLY A 370 2.29 8.37 -4.54
N THR A 371 2.29 7.45 -5.51
CA THR A 371 3.41 7.32 -6.44
C THR A 371 3.42 8.48 -7.44
N ASN A 372 2.47 9.41 -7.39
CA ASN A 372 2.48 10.56 -8.28
C ASN A 372 3.32 11.72 -7.76
N LEU A 373 3.87 11.62 -6.54
CA LEU A 373 4.63 12.71 -5.95
C LEU A 373 6.13 12.47 -6.20
N LEU A 374 6.86 13.55 -6.43
CA LEU A 374 8.23 13.42 -6.90
C LEU A 374 9.11 12.75 -5.86
N PRO A 375 9.04 13.11 -4.56
CA PRO A 375 9.90 12.45 -3.59
C PRO A 375 9.70 10.93 -3.55
N GLN A 376 8.44 10.46 -3.57
CA GLN A 376 8.21 9.03 -3.62
C GLN A 376 8.66 8.42 -4.94
N GLN A 377 8.50 9.18 -6.03
CA GLN A 377 8.99 8.74 -7.33
C GLN A 377 10.49 8.53 -7.32
N ALA A 378 11.21 9.31 -6.51
CA ALA A 378 12.66 9.16 -6.42
C ALA A 378 13.01 7.80 -5.85
N CYS A 379 12.31 7.40 -4.79
CA CYS A 379 12.55 6.12 -4.16
C CYS A 379 12.18 4.98 -5.11
N LEU A 380 11.08 5.15 -5.85
CA LEU A 380 10.76 4.17 -6.88
C LEU A 380 11.85 4.12 -7.95
N GLN A 381 12.40 5.26 -8.34
CA GLN A 381 13.41 5.32 -9.40
C GLN A 381 14.72 4.68 -8.99
N MET A 382 15.14 4.82 -7.73
CA MET A 382 16.38 4.19 -7.31
C MET A 382 16.28 2.66 -7.31
N LEU A 383 15.05 2.14 -7.35
CA LEU A 383 14.83 0.72 -7.51
C LEU A 383 14.73 0.31 -8.98
N GLY A 384 14.45 1.25 -9.89
CA GLY A 384 14.35 0.95 -11.29
C GLY A 384 12.93 0.53 -11.72
N VAL A 385 11.91 0.87 -10.94
CA VAL A 385 10.57 0.37 -11.19
C VAL A 385 9.57 1.52 -11.25
N GLN A 386 10.02 2.75 -11.40
CA GLN A 386 9.11 3.88 -11.37
C GLN A 386 8.19 3.89 -12.59
N GLY A 387 6.92 4.17 -12.34
CA GLY A 387 5.95 4.39 -13.39
C GLY A 387 5.55 3.10 -14.12
N ALA A 388 4.82 3.29 -15.24
CA ALA A 388 4.36 2.18 -16.07
C ALA A 388 5.48 1.65 -16.95
N CYS A 389 5.49 0.34 -17.13
CA CYS A 389 6.42 -0.34 -18.02
C CYS A 389 5.73 -0.59 -19.36
N LYS A 390 6.02 0.24 -20.37
CA LYS A 390 5.22 0.25 -21.58
C LYS A 390 5.28 -1.08 -22.32
N ASP A 391 6.46 -1.71 -22.36
CA ASP A 391 6.62 -2.95 -23.09
C ASP A 391 5.76 -4.05 -22.50
N ASN A 392 5.89 -4.27 -21.18
CA ASN A 392 5.33 -5.43 -20.51
C ASN A 392 4.48 -4.99 -19.32
N PRO A 393 3.23 -4.54 -19.54
CA PRO A 393 2.46 -3.90 -18.48
C PRO A 393 2.38 -4.72 -17.21
N GLY A 394 2.57 -4.05 -16.07
CA GLY A 394 2.56 -4.71 -14.79
C GLY A 394 3.94 -5.22 -14.37
N GLU A 395 4.94 -5.17 -15.23
CA GLU A 395 6.25 -5.72 -14.89
C GLU A 395 6.92 -4.96 -13.74
N ASN A 396 6.76 -3.64 -13.70
CA ASN A 396 7.37 -2.85 -12.64
C ASN A 396 6.73 -3.13 -11.28
N ALA A 397 5.40 -3.28 -11.25
CA ALA A 397 4.73 -3.63 -10.01
C ALA A 397 5.18 -5.00 -9.52
N ARG A 398 5.33 -5.96 -10.45
CA ARG A 398 5.78 -7.29 -10.08
C ARG A 398 7.19 -7.24 -9.52
N GLN A 399 8.05 -6.44 -10.15
CA GLN A 399 9.43 -6.34 -9.68
C GLN A 399 9.45 -5.74 -8.28
N LEU A 400 8.64 -4.72 -8.05
CA LEU A 400 8.58 -4.10 -6.74
C LEU A 400 8.08 -5.11 -5.68
N ALA A 401 7.12 -5.95 -6.05
CA ALA A 401 6.64 -6.99 -5.13
C ALA A 401 7.75 -7.98 -4.79
N ARG A 402 8.53 -8.36 -5.80
CA ARG A 402 9.66 -9.27 -5.57
C ARG A 402 10.66 -8.63 -4.62
N ILE A 403 10.95 -7.34 -4.80
CA ILE A 403 11.93 -6.67 -3.96
C ILE A 403 11.40 -6.60 -2.53
N VAL A 404 10.09 -6.35 -2.38
CA VAL A 404 9.51 -6.30 -1.07
C VAL A 404 9.68 -7.64 -0.35
N CYS A 405 9.38 -8.74 -1.05
CA CYS A 405 9.52 -10.05 -0.46
C CYS A 405 10.97 -10.34 -0.09
N GLY A 406 11.91 -10.00 -0.96
CA GLY A 406 13.31 -10.25 -0.68
C GLY A 406 13.83 -9.45 0.52
N THR A 407 13.41 -8.19 0.62
CA THR A 407 13.83 -7.36 1.75
C THR A 407 13.22 -7.92 3.04
N VAL A 408 11.93 -8.34 2.99
CA VAL A 408 11.31 -8.95 4.15
C VAL A 408 12.15 -10.16 4.58
N MET A 409 12.59 -10.96 3.62
CA MET A 409 13.38 -12.13 3.95
C MET A 409 14.69 -11.76 4.62
N ALA A 410 15.39 -10.73 4.12
CA ALA A 410 16.62 -10.27 4.76
C ALA A 410 16.37 -9.82 6.21
N GLY A 411 15.29 -9.07 6.42
CA GLY A 411 14.91 -8.64 7.75
C GLY A 411 14.62 -9.82 8.70
N GLU A 412 13.91 -10.83 8.18
CA GLU A 412 13.63 -12.02 8.96
C GLU A 412 14.95 -12.67 9.36
N LEU A 413 15.85 -12.83 8.40
CA LEU A 413 17.12 -13.48 8.66
C LEU A 413 17.83 -12.78 9.82
N SER A 414 17.93 -11.46 9.73
CA SER A 414 18.69 -10.70 10.71
C SER A 414 18.04 -10.77 12.10
N LEU A 415 16.73 -10.49 12.18
CA LEU A 415 16.07 -10.45 13.47
C LEU A 415 16.07 -11.84 14.13
N MET A 416 15.88 -12.89 13.31
CA MET A 416 15.88 -14.24 13.84
C MET A 416 17.26 -14.58 14.39
N ALA A 417 18.32 -14.19 13.68
CA ALA A 417 19.66 -14.42 14.17
C ALA A 417 19.87 -13.69 15.51
N ALA A 418 19.40 -12.45 15.61
CA ALA A 418 19.58 -11.70 16.84
C ALA A 418 18.86 -12.40 18.00
N LEU A 419 17.60 -12.84 17.78
CA LEU A 419 16.86 -13.54 18.82
C LEU A 419 17.51 -14.86 19.20
N ALA A 420 18.05 -15.59 18.23
CA ALA A 420 18.65 -16.87 18.50
C ALA A 420 19.96 -16.72 19.28
N ALA A 421 20.72 -15.67 18.99
CA ALA A 421 22.02 -15.47 19.61
C ALA A 421 21.89 -14.94 21.03
N GLY A 422 20.72 -14.38 21.39
CA GLY A 422 20.56 -13.66 22.65
C GLY A 422 21.26 -12.30 22.59
N HIS A 423 21.40 -11.66 23.76
CA HIS A 423 22.00 -10.34 23.81
C HIS A 423 23.54 -10.45 23.83
#